data_9IZE
#
_entry.id   9IZE
#
_cell.length_a   75.474
_cell.length_b   75.474
_cell.length_c   400.462
_cell.angle_alpha   90.000
_cell.angle_beta   90.000
_cell.angle_gamma   120.000
#
_symmetry.space_group_name_H-M   'P 65 2 2'
#
loop_
_entity.id
_entity.type
_entity.pdbx_description
1 polymer 'Maltodextrin glucosidase'
2 branched (2~{S},3~{R},4~{S},5~{R},6~{R})-5-[[(1~{S},4~{R},5~{S},6~{S})-3-(hydroxymethyl)-4,5,6-tris(oxidanyl)cyclohex-2-en-1-yl]amino]-6-methyl-oxane-2,3,4-triol-(1-4)-alpha-D-glucopyranose
3 water water
#
_entity_poly.entity_id   1
_entity_poly.type   'polypeptide(L)'
_entity_poly.pdbx_seq_one_letter_code
;MLKAWHLPVAPFIKEQQERLMITLWLSGDDLPPRVTLRAEEDNEELSLPMHRLRQAPHPGVVAWRGEINLVNGQPRRRYS
FKLLWADRQLWFTPQEFNRFPPARLEQFAVDLPDSGPQWVADQVFYQIFPDRFARSQSREAEQDATYYHHAAGHDIVRKA
WDEPLTAEAGGSTFYGGDLDGISEKLPYLKQLGVTALYLNPVFVAPSVHKYDTEDYRRVDPQFGGDAALLRLRHNTQKEG
MRLILDGVFNHSGDSHAWFDRHQRGSGGACHNADSPWRDWYNFSPEGVAHDWLGYASLPKLDYRSSTLIDEIYGGEDSVV
RHWLKAPWSMDGWRLAVVHMLGEGGGARNNLRHIAGITQAAKLERPDAFVFGEHFGDARQWLQADVEDSAMNYRGFTFPL
WGFLANTDISYDPQKIDAQTCMAWMDNYRAGLSHQQQLRMFNQLDSHDTARFKSLLGKDVARLPLAVVWLFSWPGVPCIY
YGDEVGVDGNNDPFCRKPFPWDPALQDGDLLDLYKRMSKLRKAHQALRYGGCQVIYAEDNVVVFVRVYKQQRVLVAINRG
EACEVVIEDSPLLDVNGWQLKEGAGALHDGVLTLPAISASVWFSR
;
_entity_poly.pdbx_strand_id   A
#
# COMPACT_ATOMS: atom_id res chain seq x y z
N MET A 1 -34.58 9.34 1.29
CA MET A 1 -35.57 9.18 2.34
C MET A 1 -35.07 8.23 3.42
N LEU A 2 -34.98 6.96 3.05
CA LEU A 2 -34.50 5.90 3.92
C LEU A 2 -33.02 6.09 4.21
N LYS A 3 -32.58 5.61 5.37
CA LYS A 3 -31.16 5.61 5.74
C LYS A 3 -30.74 4.20 6.13
N ALA A 4 -29.48 3.88 5.83
CA ALA A 4 -28.94 2.56 6.16
C ALA A 4 -27.50 2.72 6.63
N TRP A 5 -27.08 1.81 7.52
CA TRP A 5 -25.69 1.75 7.97
C TRP A 5 -25.23 0.31 8.06
N HIS A 6 -24.02 0.06 7.58
CA HIS A 6 -23.34 -1.20 7.82
C HIS A 6 -21.87 -1.04 7.48
N LEU A 7 -21.01 -1.61 8.33
CA LEU A 7 -19.58 -1.70 8.09
C LEU A 7 -19.15 -3.13 8.41
N PRO A 8 -18.18 -3.69 7.66
CA PRO A 8 -17.80 -5.09 7.83
C PRO A 8 -16.94 -5.37 9.07
N VAL A 9 -17.41 -4.89 10.22
CA VAL A 9 -16.64 -4.93 11.45
C VAL A 9 -17.62 -4.91 12.61
N ALA A 10 -17.16 -5.34 13.80
CA ALA A 10 -17.98 -5.11 14.99
C ALA A 10 -18.22 -3.61 15.13
N PRO A 11 -19.42 -3.19 15.55
CA PRO A 11 -20.52 -3.99 16.11
C PRO A 11 -21.45 -4.62 15.08
N PHE A 12 -21.15 -4.51 13.78
CA PHE A 12 -22.09 -4.99 12.78
C PHE A 12 -21.94 -6.46 12.44
N ILE A 13 -20.79 -7.06 12.71
CA ILE A 13 -20.57 -8.46 12.43
C ILE A 13 -20.00 -9.11 13.69
N LYS A 14 -20.28 -10.41 13.85
CA LYS A 14 -19.72 -11.14 14.98
C LYS A 14 -19.69 -12.62 14.65
N GLU A 15 -18.54 -13.25 14.84
CA GLU A 15 -18.38 -14.68 14.61
C GLU A 15 -18.72 -15.45 15.88
N GLN A 16 -19.55 -16.48 15.74
CA GLN A 16 -20.10 -17.15 16.92
C GLN A 16 -20.53 -18.55 16.50
N GLN A 17 -19.74 -19.55 16.89
CA GLN A 17 -20.04 -20.97 16.66
C GLN A 17 -20.29 -21.25 15.17
N GLU A 18 -19.20 -21.13 14.40
CA GLU A 18 -19.20 -21.40 12.97
C GLU A 18 -20.25 -20.58 12.21
N ARG A 19 -20.66 -19.44 12.76
CA ARG A 19 -21.63 -18.56 12.14
C ARG A 19 -21.13 -17.13 12.16
N LEU A 20 -21.33 -16.43 11.03
CA LEU A 20 -21.06 -15.01 10.93
C LEU A 20 -22.38 -14.25 11.02
N MET A 21 -22.61 -13.61 12.16
CA MET A 21 -23.82 -12.79 12.33
C MET A 21 -23.61 -11.42 11.69
N ILE A 22 -24.58 -11.02 10.88
CA ILE A 22 -24.52 -9.78 10.11
C ILE A 22 -25.70 -8.92 10.49
N THR A 23 -25.42 -7.69 10.93
CA THR A 23 -26.47 -6.77 11.36
C THR A 23 -26.49 -5.56 10.43
N LEU A 24 -27.69 -5.14 10.09
CA LEU A 24 -27.94 -3.95 9.28
C LEU A 24 -28.80 -2.99 10.09
N TRP A 25 -28.49 -1.70 9.98
CA TRP A 25 -29.25 -0.64 10.62
C TRP A 25 -30.05 0.11 9.55
N LEU A 26 -31.32 0.36 9.83
CA LEU A 26 -32.19 1.13 8.95
C LEU A 26 -32.91 2.21 9.74
N SER A 27 -33.24 3.31 9.06
CA SER A 27 -34.05 4.36 9.68
C SER A 27 -34.85 5.08 8.61
N GLY A 28 -36.11 5.35 8.92
CA GLY A 28 -36.97 6.10 8.03
C GLY A 28 -38.43 5.75 8.26
N ASP A 29 -39.29 6.43 7.52
CA ASP A 29 -40.72 6.26 7.68
C ASP A 29 -41.31 5.15 6.83
N ASP A 30 -40.62 4.74 5.77
CA ASP A 30 -41.15 3.68 4.92
C ASP A 30 -40.23 2.46 4.93
N LEU A 31 -40.10 1.83 6.08
CA LEU A 31 -39.10 0.77 6.24
C LEU A 31 -39.57 -0.51 5.55
N PRO A 32 -38.66 -1.24 4.90
CA PRO A 32 -39.05 -2.46 4.21
C PRO A 32 -39.51 -3.51 5.20
N PRO A 33 -40.65 -4.18 4.92
CA PRO A 33 -41.11 -5.22 5.85
C PRO A 33 -40.27 -6.48 5.83
N ARG A 34 -39.40 -6.66 4.84
CA ARG A 34 -38.50 -7.80 4.79
C ARG A 34 -37.14 -7.32 4.30
N VAL A 35 -36.08 -8.01 4.73
CA VAL A 35 -34.74 -7.74 4.25
C VAL A 35 -34.04 -9.07 4.04
N THR A 36 -33.49 -9.27 2.84
CA THR A 36 -32.72 -10.46 2.52
C THR A 36 -31.23 -10.14 2.62
N LEU A 37 -30.50 -10.99 3.34
CA LEU A 37 -29.04 -11.00 3.32
C LEU A 37 -28.60 -11.77 2.09
N ARG A 38 -28.12 -11.06 1.07
CA ARG A 38 -27.58 -11.72 -0.11
C ARG A 38 -26.14 -12.11 0.20
N ALA A 39 -25.88 -13.40 0.28
CA ALA A 39 -24.55 -13.88 0.60
C ALA A 39 -24.14 -14.82 -0.52
N GLU A 40 -23.04 -15.52 -0.29
CA GLU A 40 -22.43 -16.31 -1.34
C GLU A 40 -21.76 -17.50 -0.68
N GLU A 41 -21.88 -18.67 -1.30
CA GLU A 41 -21.15 -19.85 -0.86
C GLU A 41 -20.61 -20.58 -2.07
N ASP A 42 -19.30 -20.71 -2.13
CA ASP A 42 -18.62 -21.26 -3.31
C ASP A 42 -19.16 -20.62 -4.59
N ASN A 43 -19.32 -19.30 -4.54
CA ASN A 43 -19.74 -18.43 -5.65
C ASN A 43 -21.23 -18.53 -5.97
N GLU A 44 -21.97 -19.43 -5.32
CA GLU A 44 -23.43 -19.49 -5.50
C GLU A 44 -24.11 -18.41 -4.66
N GLU A 45 -24.96 -17.61 -5.31
CA GLU A 45 -25.71 -16.58 -4.59
C GLU A 45 -26.74 -17.20 -3.65
N LEU A 46 -26.80 -16.69 -2.44
CA LEU A 46 -27.67 -17.19 -1.39
C LEU A 46 -28.63 -16.10 -0.96
N SER A 47 -29.88 -16.48 -0.68
CA SER A 47 -30.88 -15.58 -0.11
C SER A 47 -31.10 -16.01 1.33
N LEU A 48 -30.46 -15.33 2.26
CA LEU A 48 -30.58 -15.65 3.67
C LEU A 48 -31.58 -14.71 4.33
N PRO A 49 -32.55 -15.23 5.06
CA PRO A 49 -33.53 -14.35 5.70
C PRO A 49 -32.92 -13.59 6.85
N MET A 50 -33.35 -12.34 7.03
CA MET A 50 -32.98 -11.52 8.17
C MET A 50 -34.20 -11.29 9.04
N HIS A 51 -33.99 -11.22 10.36
CA HIS A 51 -35.09 -10.95 11.27
C HIS A 51 -34.88 -9.63 11.99
N ARG A 52 -35.99 -8.95 12.26
CA ARG A 52 -35.97 -7.70 12.98
C ARG A 52 -35.59 -7.93 14.43
N LEU A 53 -34.62 -7.18 14.93
CA LEU A 53 -34.21 -7.31 16.32
C LEU A 53 -35.15 -6.49 17.21
N ARG A 54 -35.41 -7.02 18.41
CA ARG A 54 -36.29 -6.34 19.35
C ARG A 54 -35.69 -5.02 19.82
N GLN A 55 -34.44 -5.06 20.28
CA GLN A 55 -33.78 -3.88 20.83
C GLN A 55 -33.29 -2.95 19.73
N ALA A 56 -33.75 -1.70 19.76
CA ALA A 56 -33.21 -0.68 18.88
C ALA A 56 -31.76 -0.37 19.26
N PRO A 57 -30.79 -0.58 18.38
CA PRO A 57 -29.39 -0.27 18.76
C PRO A 57 -29.19 1.20 19.09
N HIS A 58 -29.91 2.10 18.43
CA HIS A 58 -29.83 3.52 18.68
C HIS A 58 -31.21 4.11 18.42
N PRO A 59 -31.49 5.30 18.95
CA PRO A 59 -32.83 5.89 18.77
C PRO A 59 -33.22 5.98 17.31
N GLY A 60 -34.46 5.60 17.01
CA GLY A 60 -35.00 5.70 15.67
C GLY A 60 -34.39 4.79 14.64
N VAL A 61 -33.60 3.80 15.07
CA VAL A 61 -32.91 2.89 14.16
C VAL A 61 -33.38 1.48 14.42
N VAL A 62 -33.74 0.78 13.34
CA VAL A 62 -34.16 -0.61 13.38
C VAL A 62 -32.98 -1.47 12.95
N ALA A 63 -32.81 -2.61 13.61
CA ALA A 63 -31.71 -3.52 13.33
C ALA A 63 -32.25 -4.83 12.76
N TRP A 64 -31.66 -5.28 11.66
CA TRP A 64 -31.93 -6.57 11.05
C TRP A 64 -30.69 -7.45 11.17
N ARG A 65 -30.91 -8.75 11.37
CA ARG A 65 -29.79 -9.67 11.58
C ARG A 65 -29.96 -10.94 10.77
N GLY A 66 -28.84 -11.38 10.16
CA GLY A 66 -28.77 -12.65 9.48
C GLY A 66 -27.48 -13.36 9.83
N GLU A 67 -27.32 -14.55 9.25
CA GLU A 67 -26.21 -15.43 9.60
C GLU A 67 -25.65 -16.09 8.35
N ILE A 68 -24.34 -16.02 8.17
CA ILE A 68 -23.64 -16.79 7.15
C ILE A 68 -23.05 -18.03 7.79
N ASN A 69 -23.36 -19.19 7.24
CA ASN A 69 -22.78 -20.44 7.70
C ASN A 69 -21.33 -20.51 7.27
N LEU A 70 -20.43 -20.70 8.23
CA LEU A 70 -19.00 -20.65 7.97
C LEU A 70 -18.37 -22.03 7.75
N VAL A 71 -19.10 -23.12 8.02
CA VAL A 71 -18.45 -24.43 7.91
C VAL A 71 -18.11 -24.75 6.46
N ASN A 72 -18.91 -24.25 5.51
CA ASN A 72 -18.66 -24.46 4.10
C ASN A 72 -18.38 -23.13 3.41
N GLY A 73 -17.87 -23.22 2.19
CA GLY A 73 -17.58 -22.04 1.39
C GLY A 73 -16.11 -21.67 1.46
N GLN A 74 -15.78 -20.65 0.70
CA GLN A 74 -14.44 -20.10 0.64
C GLN A 74 -14.27 -19.05 1.73
N PRO A 75 -13.02 -18.75 2.11
CA PRO A 75 -12.79 -17.81 3.22
C PRO A 75 -13.37 -16.42 3.00
N ARG A 76 -13.35 -15.89 1.77
CA ARG A 76 -13.88 -14.55 1.54
C ARG A 76 -15.39 -14.61 1.51
N ARG A 77 -16.04 -13.97 2.48
CA ARG A 77 -17.49 -13.97 2.61
C ARG A 77 -18.03 -12.66 2.05
N ARG A 78 -18.64 -12.72 0.86
CA ARG A 78 -19.21 -11.56 0.19
C ARG A 78 -20.70 -11.46 0.48
N TYR A 79 -21.18 -10.23 0.70
CA TYR A 79 -22.60 -10.06 1.01
C TYR A 79 -23.03 -8.63 0.75
N SER A 80 -24.34 -8.47 0.54
CA SER A 80 -25.00 -7.18 0.47
C SER A 80 -26.43 -7.37 0.98
N PHE A 81 -27.19 -6.29 1.00
CA PHE A 81 -28.52 -6.32 1.60
C PHE A 81 -29.59 -5.96 0.57
N LYS A 82 -30.62 -6.79 0.52
CA LYS A 82 -31.71 -6.64 -0.44
C LYS A 82 -32.96 -6.24 0.33
N LEU A 83 -33.28 -4.96 0.33
CA LEU A 83 -34.45 -4.45 1.02
C LEU A 83 -35.70 -4.71 0.17
N LEU A 84 -36.76 -5.24 0.78
CA LEU A 84 -37.92 -5.73 0.05
C LEU A 84 -39.19 -5.07 0.56
N TRP A 85 -39.90 -4.38 -0.33
CA TRP A 85 -41.26 -3.92 -0.10
C TRP A 85 -42.22 -4.78 -0.94
N ALA A 86 -43.51 -4.47 -0.83
CA ALA A 86 -44.51 -5.27 -1.56
C ALA A 86 -44.34 -5.14 -3.07
N ASP A 87 -43.87 -3.99 -3.55
CA ASP A 87 -43.82 -3.74 -4.99
C ASP A 87 -42.42 -3.49 -5.51
N ARG A 88 -41.39 -3.50 -4.66
CA ARG A 88 -40.10 -2.99 -5.11
C ARG A 88 -38.99 -3.50 -4.20
N GLN A 89 -37.76 -3.21 -4.60
CA GLN A 89 -36.59 -3.61 -3.83
C GLN A 89 -35.54 -2.51 -3.94
N LEU A 90 -34.58 -2.57 -3.02
CA LEU A 90 -33.46 -1.65 -3.04
C LEU A 90 -32.29 -2.32 -2.35
N TRP A 91 -31.10 -2.13 -2.92
CA TRP A 91 -29.90 -2.78 -2.43
C TRP A 91 -29.11 -1.79 -1.58
N PHE A 92 -28.48 -2.29 -0.53
CA PHE A 92 -27.55 -1.49 0.24
C PHE A 92 -26.18 -2.15 0.18
N THR A 93 -25.17 -1.35 -0.20
CA THR A 93 -23.85 -1.78 -0.64
C THR A 93 -22.78 -0.92 0.04
N PRO A 94 -21.49 -1.23 -0.16
CA PRO A 94 -20.44 -0.27 0.24
C PRO A 94 -20.58 1.08 -0.45
N GLN A 95 -21.28 1.16 -1.57
CA GLN A 95 -21.46 2.46 -2.22
C GLN A 95 -22.90 2.93 -2.08
N GLU A 96 -23.44 2.84 -0.86
CA GLU A 96 -24.78 3.33 -0.50
C GLU A 96 -25.86 2.51 -1.20
N PHE A 97 -26.98 3.14 -1.56
CA PHE A 97 -28.08 2.39 -2.16
C PHE A 97 -27.85 2.21 -3.65
N ASN A 98 -28.29 1.06 -4.16
CA ASN A 98 -28.29 0.76 -5.59
C ASN A 98 -29.70 0.32 -6.01
N ARG A 99 -30.17 0.79 -7.17
CA ARG A 99 -31.49 0.37 -7.65
C ARG A 99 -31.44 -0.96 -8.41
N PHE A 100 -30.31 -1.30 -9.00
CA PHE A 100 -30.11 -2.63 -9.57
C PHE A 100 -29.00 -3.33 -8.81
N PRO A 101 -28.90 -4.66 -8.91
CA PRO A 101 -28.00 -5.42 -8.03
C PRO A 101 -26.55 -4.98 -8.18
N PRO A 102 -25.82 -4.89 -7.07
CA PRO A 102 -24.40 -4.53 -7.14
C PRO A 102 -23.59 -5.63 -7.82
N ALA A 103 -22.40 -5.25 -8.27
CA ALA A 103 -21.47 -6.25 -8.76
C ALA A 103 -21.08 -7.21 -7.62
N ARG A 104 -20.95 -8.48 -7.98
CA ARG A 104 -20.47 -9.48 -7.04
C ARG A 104 -19.18 -9.03 -6.35
N LEU A 105 -18.27 -8.43 -7.12
CA LEU A 105 -16.99 -7.99 -6.59
C LEU A 105 -17.02 -6.57 -6.05
N GLU A 106 -18.19 -5.97 -5.84
CA GLU A 106 -18.30 -4.69 -5.15
C GLU A 106 -19.26 -4.76 -3.96
N GLN A 107 -19.35 -5.93 -3.33
CA GLN A 107 -20.18 -6.10 -2.15
C GLN A 107 -19.33 -5.84 -0.90
N PHE A 108 -19.95 -5.92 0.26
CA PHE A 108 -19.18 -6.05 1.49
C PHE A 108 -18.51 -7.42 1.50
N ALA A 109 -17.37 -7.52 2.17
CA ALA A 109 -16.66 -8.78 2.20
C ALA A 109 -15.77 -8.84 3.43
N VAL A 110 -15.76 -10.01 4.06
CA VAL A 110 -14.95 -10.30 5.22
C VAL A 110 -14.26 -11.64 4.99
N ASP A 111 -12.97 -11.71 5.30
CA ASP A 111 -12.18 -12.92 5.11
C ASP A 111 -12.18 -13.70 6.42
N LEU A 112 -12.86 -14.85 6.42
CA LEU A 112 -13.03 -15.69 7.61
C LEU A 112 -13.00 -17.15 7.19
N PRO A 113 -11.95 -17.90 7.51
CA PRO A 113 -10.75 -17.50 8.27
C PRO A 113 -9.85 -16.59 7.44
N ASP A 114 -9.18 -15.65 8.08
CA ASP A 114 -8.26 -14.76 7.39
C ASP A 114 -6.87 -15.38 7.42
N SER A 115 -6.36 -15.78 6.25
CA SER A 115 -5.02 -16.36 6.18
C SER A 115 -3.96 -15.35 5.76
N GLY A 116 -4.32 -14.08 5.59
CA GLY A 116 -3.37 -13.06 5.20
C GLY A 116 -2.46 -12.68 6.35
N PRO A 117 -1.46 -11.82 6.04
CA PRO A 117 -0.52 -11.39 7.09
C PRO A 117 -1.15 -10.39 8.04
N GLN A 118 -1.63 -10.89 9.19
CA GLN A 118 -2.43 -10.04 10.06
C GLN A 118 -1.60 -9.00 10.79
N TRP A 119 -0.27 -9.16 10.81
CA TRP A 119 0.59 -8.18 11.43
C TRP A 119 0.68 -6.87 10.64
N VAL A 120 0.33 -6.89 9.34
CA VAL A 120 0.54 -5.71 8.51
C VAL A 120 -0.29 -4.54 9.05
N ALA A 121 -1.53 -4.81 9.48
CA ALA A 121 -2.40 -3.73 9.94
C ALA A 121 -1.83 -3.01 11.16
N ASP A 122 -0.89 -3.62 11.87
CA ASP A 122 -0.33 -2.99 13.06
C ASP A 122 0.95 -2.20 12.77
N GLN A 123 1.36 -2.07 11.51
CA GLN A 123 2.66 -1.50 11.19
C GLN A 123 2.56 -0.03 10.81
N VAL A 124 3.70 0.66 10.95
CA VAL A 124 3.99 1.90 10.25
C VAL A 124 5.24 1.64 9.42
N PHE A 125 5.10 1.65 8.08
CA PHE A 125 6.21 1.37 7.19
C PHE A 125 7.02 2.64 6.90
N TYR A 126 8.24 2.43 6.41
CA TYR A 126 9.14 3.50 6.02
C TYR A 126 9.95 2.98 4.84
N GLN A 127 9.88 3.67 3.69
CA GLN A 127 10.56 3.20 2.50
C GLN A 127 11.92 3.88 2.35
N ILE A 128 12.96 3.08 2.11
CA ILE A 128 14.34 3.59 2.03
C ILE A 128 14.93 3.20 0.69
N PHE A 129 15.31 4.21 -0.10
CA PHE A 129 16.15 4.08 -1.29
C PHE A 129 17.59 4.11 -0.78
N PRO A 130 18.25 2.95 -0.66
CA PRO A 130 19.40 2.85 0.28
C PRO A 130 20.57 3.79 -0.04
N ASP A 131 20.86 4.07 -1.32
CA ASP A 131 21.99 4.95 -1.62
C ASP A 131 21.81 6.35 -1.05
N ARG A 132 20.58 6.76 -0.75
CA ARG A 132 20.31 8.16 -0.41
C ARG A 132 19.85 8.36 1.02
N PHE A 133 19.89 7.33 1.85
CA PHE A 133 19.38 7.48 3.21
C PHE A 133 20.49 7.78 4.22
N ALA A 134 21.45 6.87 4.41
CA ALA A 134 22.46 7.11 5.43
C ALA A 134 23.72 6.32 5.14
N ARG A 135 24.86 6.99 5.27
CA ARG A 135 26.16 6.34 5.15
C ARG A 135 26.63 5.91 6.54
N SER A 136 27.05 4.65 6.64
CA SER A 136 27.51 4.13 7.93
C SER A 136 28.75 4.89 8.40
N GLN A 137 28.91 4.99 9.72
CA GLN A 137 30.09 5.63 10.28
C GLN A 137 31.36 4.88 9.94
N SER A 138 31.35 3.56 10.11
CA SER A 138 32.44 2.70 9.65
C SER A 138 32.30 2.46 8.15
N ARG A 139 32.41 3.55 7.40
CA ARG A 139 31.94 3.60 6.02
C ARG A 139 32.91 2.89 5.09
N GLU A 140 32.73 3.15 3.80
CA GLU A 140 33.28 2.34 2.73
C GLU A 140 34.30 3.13 1.93
N ALA A 141 35.54 2.67 1.93
CA ALA A 141 36.54 3.21 1.02
C ALA A 141 36.50 2.49 -0.33
N GLU A 142 36.51 1.15 -0.30
CA GLU A 142 36.40 0.36 -1.52
C GLU A 142 35.01 0.45 -2.14
N GLN A 143 33.99 0.77 -1.35
CA GLN A 143 32.64 0.97 -1.87
C GLN A 143 32.30 2.44 -2.07
N ASP A 144 33.27 3.35 -1.89
CA ASP A 144 33.22 4.68 -2.45
C ASP A 144 34.09 4.80 -3.70
N ALA A 145 34.29 3.68 -4.40
CA ALA A 145 35.13 3.62 -5.58
C ALA A 145 34.26 3.71 -6.83
N THR A 146 34.91 3.61 -8.00
CA THR A 146 34.24 3.76 -9.27
C THR A 146 34.46 2.51 -10.14
N TYR A 147 33.52 2.27 -11.05
CA TYR A 147 33.62 1.18 -12.02
C TYR A 147 32.85 1.56 -13.26
N TYR A 148 32.89 0.69 -14.26
CA TYR A 148 32.30 0.96 -15.56
C TYR A 148 30.88 0.42 -15.63
N HIS A 149 29.92 1.32 -15.85
CA HIS A 149 28.51 0.95 -16.02
C HIS A 149 28.26 0.72 -17.51
N HIS A 150 28.37 -0.55 -17.92
CA HIS A 150 28.28 -0.92 -19.34
C HIS A 150 27.00 -0.38 -19.97
N ALA A 151 25.85 -0.74 -19.38
CA ALA A 151 24.56 -0.29 -19.92
C ALA A 151 24.49 1.22 -20.03
N ALA A 152 25.21 1.95 -19.15
CA ALA A 152 25.22 3.40 -19.21
C ALA A 152 26.26 3.94 -20.18
N GLY A 153 27.23 3.12 -20.59
CA GLY A 153 28.28 3.56 -21.49
C GLY A 153 29.42 4.32 -20.84
N HIS A 154 29.46 4.44 -19.51
CA HIS A 154 30.51 5.20 -18.86
C HIS A 154 30.64 4.70 -17.42
N ASP A 155 31.60 5.28 -16.70
CA ASP A 155 31.83 4.95 -15.30
C ASP A 155 30.76 5.56 -14.41
N ILE A 156 30.40 4.84 -13.34
CA ILE A 156 29.58 5.45 -12.31
C ILE A 156 30.31 6.66 -11.72
N VAL A 157 29.55 7.60 -11.18
CA VAL A 157 30.10 8.82 -10.60
C VAL A 157 29.71 8.89 -9.12
N ARG A 158 30.62 9.42 -8.31
CA ARG A 158 30.45 9.58 -6.87
C ARG A 158 30.21 11.04 -6.53
N LYS A 159 29.37 11.30 -5.54
CA LYS A 159 29.01 12.65 -5.13
C LYS A 159 29.01 12.76 -3.61
N ALA A 160 29.40 13.93 -3.12
CA ALA A 160 29.32 14.20 -1.69
C ALA A 160 27.87 14.49 -1.30
N TRP A 161 27.59 14.34 0.00
CA TRP A 161 26.21 14.38 0.47
C TRP A 161 25.53 15.70 0.17
N ASP A 162 26.25 16.82 0.21
CA ASP A 162 25.64 18.11 -0.01
C ASP A 162 25.73 18.59 -1.45
N GLU A 163 26.21 17.75 -2.37
CA GLU A 163 26.24 18.12 -3.77
C GLU A 163 24.84 18.05 -4.37
N PRO A 164 24.35 19.11 -5.00
CA PRO A 164 23.00 19.09 -5.56
C PRO A 164 22.80 17.96 -6.56
N LEU A 165 21.54 17.51 -6.66
CA LEU A 165 21.17 16.45 -7.57
C LEU A 165 20.97 17.02 -8.97
N THR A 166 21.42 16.30 -9.99
CA THR A 166 21.28 16.75 -11.37
C THR A 166 20.66 15.65 -12.22
N ALA A 167 20.11 16.06 -13.36
CA ALA A 167 19.52 15.12 -14.31
C ALA A 167 20.56 14.24 -15.00
N GLU A 168 21.85 14.51 -14.77
CA GLU A 168 22.93 13.83 -15.48
C GLU A 168 23.27 12.52 -14.79
N ALA A 169 23.36 11.45 -15.58
CA ALA A 169 23.68 10.11 -15.08
C ALA A 169 22.79 9.75 -13.89
N GLY A 170 21.48 9.90 -14.08
CA GLY A 170 20.54 9.70 -13.00
C GLY A 170 20.60 8.31 -12.39
N GLY A 171 20.87 7.30 -13.22
CA GLY A 171 21.00 5.92 -12.79
C GLY A 171 22.41 5.50 -12.41
N SER A 172 23.38 6.43 -12.43
CA SER A 172 24.79 6.09 -12.28
C SER A 172 25.49 6.95 -11.23
N THR A 173 24.75 7.80 -10.53
CA THR A 173 25.30 8.69 -9.49
C THR A 173 25.07 8.06 -8.12
N PHE A 174 26.13 7.98 -7.32
CA PHE A 174 26.10 7.30 -6.02
C PHE A 174 26.52 8.26 -4.92
N TYR A 175 25.64 8.46 -3.94
CA TYR A 175 26.01 9.23 -2.76
C TYR A 175 26.54 8.36 -1.61
N GLY A 176 26.41 7.04 -1.73
CA GLY A 176 27.10 6.11 -0.85
C GLY A 176 26.36 5.63 0.38
N GLY A 177 25.05 5.88 0.50
CA GLY A 177 24.29 5.28 1.57
C GLY A 177 24.39 3.76 1.55
N ASP A 178 24.23 3.14 2.71
CA ASP A 178 24.41 1.70 2.78
C ASP A 178 23.56 1.13 3.92
N LEU A 179 23.61 -0.20 4.07
CA LEU A 179 22.68 -0.86 4.98
C LEU A 179 23.06 -0.64 6.43
N ASP A 180 24.36 -0.65 6.76
CA ASP A 180 24.76 -0.31 8.12
C ASP A 180 24.34 1.11 8.48
N GLY A 181 24.26 2.02 7.50
CA GLY A 181 23.71 3.33 7.77
C GLY A 181 22.27 3.25 8.28
N ILE A 182 21.47 2.36 7.69
CA ILE A 182 20.11 2.15 8.17
C ILE A 182 20.12 1.58 9.58
N SER A 183 20.91 0.53 9.82
CA SER A 183 21.05 0.00 11.17
C SER A 183 21.35 1.12 12.17
N GLU A 184 22.31 1.99 11.84
CA GLU A 184 22.70 3.06 12.77
C GLU A 184 21.59 4.09 12.98
N LYS A 185 20.61 4.16 12.09
CA LYS A 185 19.53 5.14 12.19
C LYS A 185 18.25 4.53 12.75
N LEU A 186 18.28 3.26 13.18
CA LEU A 186 17.08 2.68 13.76
C LEU A 186 16.56 3.46 14.95
N PRO A 187 17.39 4.01 15.86
CA PRO A 187 16.82 4.86 16.91
C PRO A 187 16.01 6.01 16.37
N TYR A 188 16.51 6.70 15.34
CA TYR A 188 15.72 7.74 14.69
C TYR A 188 14.39 7.17 14.20
N LEU A 189 14.44 6.02 13.53
CA LEU A 189 13.23 5.46 12.94
C LEU A 189 12.25 4.99 14.01
N LYS A 190 12.76 4.35 15.07
CA LYS A 190 11.89 3.97 16.19
C LYS A 190 11.26 5.20 16.82
N GLN A 191 12.02 6.28 16.94
CA GLN A 191 11.48 7.54 17.46
C GLN A 191 10.39 8.10 16.55
N LEU A 192 10.51 7.88 15.24
CA LEU A 192 9.51 8.34 14.29
C LEU A 192 8.19 7.58 14.42
N GLY A 193 8.22 6.38 15.02
CA GLY A 193 7.07 5.50 15.06
C GLY A 193 7.14 4.35 14.07
N VAL A 194 8.24 4.26 13.32
CA VAL A 194 8.37 3.24 12.27
C VAL A 194 8.50 1.86 12.89
N THR A 195 7.73 0.90 12.38
CA THR A 195 7.84 -0.48 12.83
C THR A 195 8.23 -1.44 11.72
N ALA A 196 8.47 -0.96 10.51
CA ALA A 196 8.69 -1.83 9.37
C ALA A 196 9.40 -1.08 8.27
N LEU A 197 10.34 -1.74 7.61
CA LEU A 197 11.07 -1.15 6.49
C LEU A 197 10.72 -1.84 5.17
N TYR A 198 10.61 -1.04 4.11
CA TYR A 198 10.57 -1.52 2.74
C TYR A 198 11.79 -0.93 2.05
N LEU A 199 12.66 -1.79 1.55
CA LEU A 199 13.89 -1.34 0.92
C LEU A 199 13.76 -1.44 -0.59
N ASN A 200 14.23 -0.42 -1.29
CA ASN A 200 14.44 -0.51 -2.73
C ASN A 200 15.52 -1.57 -2.98
N PRO A 201 15.74 -2.01 -4.23
CA PRO A 201 16.57 -3.20 -4.44
C PRO A 201 17.96 -3.07 -3.83
N VAL A 202 18.45 -4.19 -3.31
CA VAL A 202 19.76 -4.25 -2.65
C VAL A 202 20.63 -5.37 -3.19
N PHE A 203 20.19 -6.11 -4.20
CA PHE A 203 21.02 -7.18 -4.73
C PHE A 203 22.04 -6.62 -5.73
N VAL A 204 23.06 -7.42 -6.02
CA VAL A 204 24.16 -6.99 -6.90
C VAL A 204 23.60 -6.49 -8.23
N ALA A 205 23.93 -5.24 -8.59
CA ALA A 205 23.50 -4.59 -9.82
C ALA A 205 24.30 -3.32 -10.06
N PRO A 206 24.61 -2.98 -11.32
CA PRO A 206 25.54 -1.86 -11.58
C PRO A 206 24.96 -0.46 -11.33
N SER A 207 23.65 -0.27 -11.48
CA SER A 207 23.08 1.07 -11.32
C SER A 207 22.95 1.42 -9.84
N VAL A 208 22.54 2.66 -9.58
CA VAL A 208 22.31 3.10 -8.20
C VAL A 208 20.94 2.63 -7.67
N HIS A 209 19.91 2.53 -8.53
CA HIS A 209 18.62 2.05 -8.06
C HIS A 209 18.58 0.53 -7.97
N LYS A 210 19.37 -0.16 -8.81
CA LYS A 210 19.60 -1.60 -8.77
C LYS A 210 18.38 -2.44 -9.16
N TYR A 211 17.46 -1.88 -9.94
CA TYR A 211 16.42 -2.70 -10.58
C TYR A 211 16.98 -3.48 -11.76
N ASP A 212 18.22 -3.22 -12.12
CA ASP A 212 18.94 -3.95 -13.16
C ASP A 212 19.72 -5.11 -12.54
N THR A 213 18.96 -6.05 -11.96
CA THR A 213 19.55 -7.12 -11.15
C THR A 213 20.62 -7.89 -11.93
N GLU A 214 21.78 -8.07 -11.29
CA GLU A 214 22.87 -8.87 -11.82
C GLU A 214 23.06 -10.18 -11.08
N ASP A 215 22.81 -10.20 -9.77
CA ASP A 215 22.88 -11.44 -8.98
C ASP A 215 21.74 -11.43 -7.98
N TYR A 216 20.79 -12.35 -8.14
CA TYR A 216 19.67 -12.47 -7.21
C TYR A 216 20.06 -13.12 -5.89
N ARG A 217 21.28 -13.65 -5.78
CA ARG A 217 21.69 -14.40 -4.60
C ARG A 217 22.69 -13.65 -3.73
N ARG A 218 23.07 -12.43 -4.08
CA ARG A 218 24.05 -11.68 -3.30
C ARG A 218 23.60 -10.24 -3.14
N VAL A 219 23.89 -9.68 -1.97
CA VAL A 219 23.69 -8.26 -1.70
C VAL A 219 24.85 -7.49 -2.31
N ASP A 220 24.56 -6.33 -2.89
CA ASP A 220 25.60 -5.54 -3.54
C ASP A 220 26.64 -5.08 -2.51
N PRO A 221 27.93 -5.31 -2.76
CA PRO A 221 28.95 -4.83 -1.81
C PRO A 221 28.92 -3.33 -1.59
N GLN A 222 28.47 -2.57 -2.59
CA GLN A 222 28.31 -1.12 -2.45
C GLN A 222 27.45 -0.75 -1.24
N PHE A 223 26.46 -1.59 -0.91
CA PHE A 223 25.58 -1.33 0.22
C PHE A 223 26.05 -2.00 1.50
N GLY A 224 27.22 -2.64 1.46
CA GLY A 224 27.75 -3.36 2.61
C GLY A 224 27.69 -4.87 2.49
N GLY A 225 27.16 -5.39 1.38
CA GLY A 225 27.19 -6.82 1.11
C GLY A 225 26.28 -7.64 2.00
N ASP A 226 26.41 -8.96 1.85
CA ASP A 226 25.58 -9.89 2.63
C ASP A 226 25.71 -9.60 4.12
N ALA A 227 26.93 -9.32 4.60
CA ALA A 227 27.13 -9.10 6.02
C ALA A 227 26.29 -7.95 6.55
N ALA A 228 26.21 -6.86 5.78
CA ALA A 228 25.47 -5.70 6.27
C ALA A 228 23.95 -5.94 6.25
N LEU A 229 23.47 -6.75 5.31
CA LEU A 229 22.05 -7.09 5.33
C LEU A 229 21.72 -8.06 6.45
N LEU A 230 22.63 -8.99 6.77
CA LEU A 230 22.45 -9.82 7.96
C LEU A 230 22.38 -8.97 9.22
N ARG A 231 23.24 -7.96 9.32
CA ARG A 231 23.20 -7.07 10.48
C ARG A 231 21.89 -6.31 10.53
N LEU A 232 21.42 -5.82 9.37
CA LEU A 232 20.16 -5.08 9.37
C LEU A 232 19.01 -6.00 9.76
N ARG A 233 19.01 -7.24 9.28
CA ARG A 233 17.99 -8.21 9.68
C ARG A 233 18.04 -8.44 11.19
N HIS A 234 19.23 -8.65 11.74
CA HIS A 234 19.36 -8.81 13.19
C HIS A 234 18.86 -7.58 13.93
N ASN A 235 19.27 -6.40 13.49
CA ASN A 235 18.97 -5.19 14.26
C ASN A 235 17.48 -4.87 14.22
N THR A 236 16.84 -5.05 13.07
CA THR A 236 15.39 -4.85 13.04
C THR A 236 14.67 -5.91 13.87
N GLN A 237 15.09 -7.18 13.78
CA GLN A 237 14.49 -8.21 14.63
C GLN A 237 14.60 -7.82 16.10
N LYS A 238 15.77 -7.34 16.51
CA LYS A 238 15.99 -6.91 17.89
C LYS A 238 15.02 -5.80 18.29
N GLU A 239 14.74 -4.87 17.37
CA GLU A 239 13.85 -3.75 17.64
C GLU A 239 12.39 -4.05 17.29
N GLY A 240 12.07 -5.30 17.02
CA GLY A 240 10.70 -5.66 16.71
C GLY A 240 10.19 -5.06 15.41
N MET A 241 11.07 -4.87 14.43
N MET A 241 11.08 -4.87 14.44
CA MET A 241 10.70 -4.24 13.17
CA MET A 241 10.71 -4.25 13.17
C MET A 241 10.69 -5.27 12.04
C MET A 241 10.68 -5.29 12.05
N ARG A 242 9.72 -5.11 11.13
CA ARG A 242 9.59 -5.95 9.96
C ARG A 242 10.45 -5.39 8.82
N LEU A 243 10.77 -6.25 7.86
CA LEU A 243 11.70 -5.90 6.79
C LEU A 243 11.26 -6.53 5.48
N ILE A 244 10.99 -5.69 4.48
CA ILE A 244 10.50 -6.12 3.17
C ILE A 244 11.54 -5.74 2.12
N LEU A 245 11.92 -6.70 1.27
CA LEU A 245 12.84 -6.41 0.17
C LEU A 245 12.07 -6.22 -1.14
N ASP A 246 12.70 -5.50 -2.07
CA ASP A 246 12.15 -5.28 -3.39
C ASP A 246 12.47 -6.48 -4.28
N GLY A 247 11.44 -7.14 -4.80
CA GLY A 247 11.60 -8.31 -5.64
C GLY A 247 11.34 -7.97 -7.09
N VAL A 248 12.37 -8.09 -7.93
CA VAL A 248 12.31 -7.63 -9.31
C VAL A 248 12.38 -8.83 -10.23
N PHE A 249 11.21 -9.42 -10.53
CA PHE A 249 11.15 -10.69 -11.22
C PHE A 249 10.50 -10.62 -12.59
N ASN A 250 9.93 -9.48 -12.97
CA ASN A 250 9.45 -9.30 -14.33
C ASN A 250 10.59 -9.33 -15.33
N HIS A 251 11.75 -8.82 -14.93
CA HIS A 251 12.93 -8.68 -15.78
C HIS A 251 14.15 -8.81 -14.89
N SER A 252 15.28 -9.13 -15.52
CA SER A 252 16.59 -9.02 -14.89
C SER A 252 17.29 -7.78 -15.44
N GLY A 253 18.51 -7.55 -14.96
CA GLY A 253 19.39 -6.60 -15.62
C GLY A 253 20.13 -7.26 -16.76
N ASP A 254 20.55 -6.45 -17.75
CA ASP A 254 21.21 -7.07 -18.89
C ASP A 254 22.64 -7.50 -18.60
N SER A 255 23.18 -7.14 -17.44
CA SER A 255 24.50 -7.61 -17.02
C SER A 255 24.45 -8.93 -16.25
N HIS A 256 23.26 -9.48 -16.03
CA HIS A 256 23.13 -10.74 -15.30
C HIS A 256 23.74 -11.88 -16.12
N ALA A 257 24.34 -12.85 -15.41
CA ALA A 257 24.99 -13.97 -16.09
C ALA A 257 24.03 -14.71 -17.01
N TRP A 258 22.73 -14.73 -16.67
CA TRP A 258 21.74 -15.41 -17.52
C TRP A 258 21.61 -14.74 -18.87
N PHE A 259 21.76 -13.41 -18.91
CA PHE A 259 21.64 -12.63 -20.13
C PHE A 259 23.02 -12.24 -20.66
N ASP A 260 23.79 -11.53 -19.83
CA ASP A 260 25.20 -11.26 -20.11
C ASP A 260 25.37 -10.57 -21.47
N ARG A 261 24.81 -9.36 -21.56
CA ARG A 261 24.86 -8.60 -22.80
C ARG A 261 26.29 -8.16 -23.10
N HIS A 262 27.05 -7.85 -22.07
CA HIS A 262 28.41 -7.35 -22.21
C HIS A 262 29.44 -8.48 -22.08
N GLN A 263 29.00 -9.72 -22.29
CA GLN A 263 29.85 -10.90 -22.44
C GLN A 263 30.96 -10.95 -21.39
N ARG A 264 30.56 -10.71 -20.14
CA ARG A 264 31.46 -10.87 -19.00
C ARG A 264 31.83 -12.33 -18.77
N GLY A 265 31.05 -13.27 -19.30
CA GLY A 265 31.32 -14.68 -19.11
C GLY A 265 30.88 -15.56 -20.27
N SER A 266 31.30 -15.19 -21.49
CA SER A 266 31.01 -15.83 -22.77
C SER A 266 29.61 -15.49 -23.28
N GLY A 267 28.72 -14.94 -22.45
CA GLY A 267 27.40 -14.58 -22.92
C GLY A 267 26.35 -15.62 -22.61
N GLY A 268 25.25 -15.18 -22.03
CA GLY A 268 24.13 -16.05 -21.82
C GLY A 268 23.17 -15.95 -22.98
N ALA A 269 22.05 -15.26 -22.77
CA ALA A 269 21.00 -15.23 -23.77
C ALA A 269 21.32 -14.28 -24.92
N CYS A 270 21.95 -13.14 -24.62
CA CYS A 270 22.04 -12.10 -25.63
C CYS A 270 22.93 -12.49 -26.79
N HIS A 271 24.05 -13.18 -26.51
CA HIS A 271 25.03 -13.56 -27.53
C HIS A 271 25.37 -15.05 -27.40
N ASN A 272 24.34 -15.89 -27.50
CA ASN A 272 24.51 -17.34 -27.52
C ASN A 272 23.17 -18.02 -27.78
N ALA A 273 23.08 -18.86 -28.80
CA ALA A 273 21.82 -19.55 -29.07
C ALA A 273 21.71 -20.86 -28.29
N ASP A 274 22.84 -21.42 -27.85
CA ASP A 274 22.85 -22.63 -27.04
C ASP A 274 22.97 -22.33 -25.55
N SER A 275 22.73 -21.07 -25.16
CA SER A 275 22.84 -20.69 -23.77
C SER A 275 21.91 -21.53 -22.90
N PRO A 276 22.31 -21.83 -21.67
CA PRO A 276 21.40 -22.54 -20.76
C PRO A 276 20.12 -21.78 -20.50
N TRP A 277 20.17 -20.44 -20.52
CA TRP A 277 19.01 -19.60 -20.25
C TRP A 277 18.56 -18.87 -21.52
N ARG A 278 18.77 -19.50 -22.66
CA ARG A 278 18.32 -18.93 -23.92
C ARG A 278 16.82 -18.71 -23.92
N ASP A 279 16.06 -19.69 -23.43
CA ASP A 279 14.61 -19.63 -23.39
C ASP A 279 14.07 -18.93 -22.15
N TRP A 280 14.94 -18.29 -21.36
CA TRP A 280 14.50 -17.44 -20.27
C TRP A 280 14.23 -16.02 -20.73
N TYR A 281 14.53 -15.70 -21.99
CA TYR A 281 14.24 -14.39 -22.56
C TYR A 281 13.55 -14.59 -23.91
N ASN A 282 12.91 -13.53 -24.39
CA ASN A 282 12.19 -13.55 -25.65
C ASN A 282 12.86 -12.63 -26.66
N PHE A 283 13.11 -13.18 -27.85
CA PHE A 283 13.76 -12.46 -28.93
C PHE A 283 12.80 -12.35 -30.10
N SER A 284 12.58 -11.13 -30.57
CA SER A 284 11.65 -10.85 -31.66
C SER A 284 12.20 -11.40 -32.98
N PRO A 285 11.49 -11.21 -34.11
CA PRO A 285 12.14 -11.44 -35.41
C PRO A 285 13.09 -10.31 -35.78
N GLU A 286 12.79 -9.09 -35.31
CA GLU A 286 13.46 -7.88 -35.76
C GLU A 286 14.76 -7.59 -35.01
N GLY A 287 15.15 -8.43 -34.05
CA GLY A 287 16.45 -8.33 -33.43
C GLY A 287 16.49 -7.61 -32.09
N VAL A 288 15.35 -7.18 -31.55
CA VAL A 288 15.31 -6.47 -30.27
C VAL A 288 14.76 -7.42 -29.21
N ALA A 289 15.61 -7.75 -28.22
CA ALA A 289 15.14 -8.54 -27.09
C ALA A 289 14.02 -7.82 -26.37
N HIS A 290 13.07 -8.59 -25.86
CA HIS A 290 11.96 -7.99 -25.13
C HIS A 290 12.45 -7.51 -23.76
N ASP A 291 12.05 -6.30 -23.40
CA ASP A 291 12.57 -5.61 -22.22
C ASP A 291 11.45 -4.83 -21.55
N TRP A 292 11.80 -4.12 -20.48
CA TRP A 292 10.84 -3.31 -19.73
C TRP A 292 10.70 -1.97 -20.42
N LEU A 293 9.58 -1.79 -21.13
CA LEU A 293 9.21 -0.51 -21.72
C LEU A 293 10.34 0.11 -22.54
N GLY A 294 11.11 -0.76 -23.23
CA GLY A 294 12.14 -0.30 -24.15
C GLY A 294 13.47 0.05 -23.54
N TYR A 295 13.75 -0.35 -22.28
CA TYR A 295 15.05 -0.14 -21.66
C TYR A 295 15.86 -1.41 -21.84
N ALA A 296 16.88 -1.36 -22.70
CA ALA A 296 17.64 -2.56 -23.02
C ALA A 296 18.36 -3.12 -21.80
N SER A 297 18.60 -2.30 -20.78
CA SER A 297 19.23 -2.78 -19.57
C SER A 297 18.32 -3.67 -18.73
N LEU A 298 17.05 -3.85 -19.12
CA LEU A 298 16.06 -4.59 -18.33
C LEU A 298 15.38 -5.64 -19.20
N PRO A 299 16.10 -6.72 -19.56
CA PRO A 299 15.49 -7.76 -20.41
C PRO A 299 14.42 -8.56 -19.69
N LYS A 300 13.25 -8.67 -20.31
CA LYS A 300 12.11 -9.31 -19.68
C LYS A 300 12.28 -10.83 -19.63
N LEU A 301 11.88 -11.43 -18.50
CA LEU A 301 12.01 -12.87 -18.28
C LEU A 301 10.78 -13.62 -18.80
N ASP A 302 11.03 -14.77 -19.43
CA ASP A 302 9.98 -15.53 -20.12
C ASP A 302 9.51 -16.67 -19.23
N TYR A 303 8.37 -16.47 -18.55
CA TYR A 303 7.85 -17.45 -17.61
C TYR A 303 7.14 -18.62 -18.29
N ARG A 304 7.22 -18.71 -19.62
CA ARG A 304 6.89 -19.97 -20.29
C ARG A 304 7.87 -21.07 -19.89
N SER A 305 9.12 -20.70 -19.65
CA SER A 305 10.18 -21.67 -19.35
C SER A 305 9.99 -22.30 -17.98
N SER A 306 9.85 -23.63 -17.95
CA SER A 306 9.62 -24.33 -16.69
C SER A 306 10.85 -24.35 -15.79
N THR A 307 12.04 -24.16 -16.35
CA THR A 307 13.24 -24.05 -15.53
C THR A 307 13.32 -22.68 -14.87
N LEU A 308 12.94 -21.63 -15.61
CA LEU A 308 12.86 -20.31 -15.00
C LEU A 308 11.86 -20.29 -13.86
N ILE A 309 10.67 -20.86 -14.07
CA ILE A 309 9.67 -20.94 -13.01
C ILE A 309 10.27 -21.57 -11.77
N ASP A 310 10.97 -22.70 -11.94
CA ASP A 310 11.59 -23.37 -10.80
C ASP A 310 12.61 -22.46 -10.12
N GLU A 311 13.34 -21.66 -10.90
CA GLU A 311 14.39 -20.82 -10.36
C GLU A 311 13.81 -19.64 -9.59
N ILE A 312 12.73 -19.05 -10.08
CA ILE A 312 12.20 -17.84 -9.45
C ILE A 312 11.34 -18.20 -8.24
N TYR A 313 10.42 -19.14 -8.40
CA TYR A 313 9.50 -19.44 -7.31
C TYR A 313 9.15 -20.91 -7.13
N GLY A 314 9.30 -21.75 -8.16
CA GLY A 314 8.79 -23.10 -8.05
C GLY A 314 9.61 -24.00 -7.14
N GLY A 315 10.94 -23.91 -7.21
CA GLY A 315 11.77 -24.82 -6.46
C GLY A 315 11.89 -24.45 -4.99
N GLU A 316 12.30 -25.44 -4.18
CA GLU A 316 12.64 -25.13 -2.80
C GLU A 316 13.78 -24.13 -2.72
N ASP A 317 14.68 -24.14 -3.69
CA ASP A 317 15.83 -23.25 -3.70
C ASP A 317 15.57 -21.96 -4.48
N SER A 318 14.32 -21.66 -4.79
CA SER A 318 14.01 -20.55 -5.69
C SER A 318 14.30 -19.20 -5.03
N VAL A 319 14.46 -18.18 -5.87
CA VAL A 319 14.85 -16.86 -5.39
C VAL A 319 13.84 -16.32 -4.39
N VAL A 320 12.54 -16.51 -4.67
CA VAL A 320 11.50 -15.94 -3.81
C VAL A 320 11.60 -16.52 -2.40
N ARG A 321 11.90 -17.81 -2.30
CA ARG A 321 12.00 -18.46 -1.00
C ARG A 321 13.35 -18.25 -0.35
N HIS A 322 14.41 -18.08 -1.15
CA HIS A 322 15.76 -17.96 -0.62
C HIS A 322 15.85 -16.87 0.45
N TRP A 323 15.29 -15.70 0.16
CA TRP A 323 15.43 -14.58 1.09
C TRP A 323 14.40 -14.60 2.21
N LEU A 324 13.48 -15.56 2.20
CA LEU A 324 12.48 -15.67 3.24
C LEU A 324 12.83 -16.71 4.30
N LYS A 325 13.83 -17.55 4.08
CA LYS A 325 14.25 -18.51 5.09
C LYS A 325 15.60 -18.13 5.69
N ALA A 326 15.89 -18.74 6.83
CA ALA A 326 17.14 -18.45 7.52
C ALA A 326 18.32 -18.64 6.57
N PRO A 327 19.37 -17.80 6.66
CA PRO A 327 19.64 -16.78 7.68
C PRO A 327 18.92 -15.46 7.40
N TRP A 328 18.24 -15.33 6.26
CA TRP A 328 17.74 -14.03 5.83
C TRP A 328 16.41 -13.69 6.48
N SER A 329 15.45 -14.61 6.42
CA SER A 329 14.20 -14.49 7.18
C SER A 329 13.54 -13.12 7.01
N MET A 330 13.52 -12.63 5.78
CA MET A 330 12.77 -11.43 5.49
C MET A 330 11.27 -11.68 5.68
N ASP A 331 10.52 -10.60 5.85
CA ASP A 331 9.10 -10.65 6.14
C ASP A 331 8.22 -10.63 4.90
N GLY A 332 8.80 -10.58 3.72
CA GLY A 332 8.03 -10.61 2.50
C GLY A 332 8.71 -9.82 1.40
N TRP A 333 7.91 -9.50 0.39
CA TRP A 333 8.39 -8.98 -0.89
C TRP A 333 7.49 -7.87 -1.42
N ARG A 334 8.09 -6.82 -1.93
CA ARG A 334 7.41 -5.86 -2.78
C ARG A 334 7.70 -6.27 -4.23
N LEU A 335 6.65 -6.56 -5.02
CA LEU A 335 6.85 -7.11 -6.36
C LEU A 335 6.90 -5.99 -7.38
N ALA A 336 8.10 -5.71 -7.89
CA ALA A 336 8.28 -4.71 -8.93
C ALA A 336 7.59 -5.15 -10.21
N VAL A 337 6.86 -4.22 -10.84
CA VAL A 337 6.23 -4.45 -12.14
C VAL A 337 5.41 -5.74 -12.10
N VAL A 338 4.65 -5.92 -11.02
CA VAL A 338 3.91 -7.16 -10.81
C VAL A 338 2.93 -7.42 -11.95
N HIS A 339 2.46 -6.36 -12.60
CA HIS A 339 1.37 -6.45 -13.55
C HIS A 339 1.79 -6.87 -14.96
N MET A 340 3.07 -6.72 -15.32
CA MET A 340 3.52 -7.10 -16.67
C MET A 340 4.17 -8.48 -16.71
N LEU A 341 4.51 -9.05 -15.56
CA LEU A 341 5.21 -10.32 -15.51
C LEU A 341 4.41 -11.41 -16.22
N GLY A 342 5.10 -12.19 -17.04
CA GLY A 342 4.40 -13.27 -17.74
C GLY A 342 5.27 -13.92 -18.80
N GLU A 343 4.61 -14.50 -19.79
CA GLU A 343 5.23 -15.37 -20.77
C GLU A 343 5.29 -14.70 -22.14
N GLY A 344 6.30 -15.10 -22.92
CA GLY A 344 6.35 -14.75 -24.33
C GLY A 344 6.73 -13.32 -24.64
N GLY A 345 7.29 -12.59 -23.68
CA GLY A 345 7.62 -11.20 -23.88
C GLY A 345 6.58 -10.22 -23.39
N GLY A 346 5.49 -10.71 -22.79
CA GLY A 346 4.42 -9.85 -22.33
C GLY A 346 3.74 -10.40 -21.09
N ALA A 347 2.53 -9.94 -20.79
CA ALA A 347 1.83 -10.31 -19.57
C ALA A 347 0.99 -11.59 -19.70
N ARG A 348 1.27 -12.42 -20.71
CA ARG A 348 0.49 -13.64 -20.88
C ARG A 348 0.64 -14.54 -19.64
N ASN A 349 -0.51 -14.94 -19.07
CA ASN A 349 -0.58 -15.80 -17.89
C ASN A 349 -0.07 -15.11 -16.62
N ASN A 350 -0.20 -13.79 -16.58
CA ASN A 350 0.34 -13.02 -15.45
C ASN A 350 -0.24 -13.47 -14.12
N LEU A 351 -1.57 -13.61 -14.04
CA LEU A 351 -2.19 -13.88 -12.75
C LEU A 351 -1.72 -15.19 -12.16
N ARG A 352 -1.58 -16.22 -13.00
CA ARG A 352 -1.08 -17.51 -12.55
C ARG A 352 0.33 -17.38 -11.97
N HIS A 353 1.19 -16.60 -12.62
CA HIS A 353 2.56 -16.50 -12.14
C HIS A 353 2.68 -15.69 -10.86
N ILE A 354 1.91 -14.60 -10.74
CA ILE A 354 1.92 -13.86 -9.47
C ILE A 354 1.37 -14.73 -8.35
N ALA A 355 0.28 -15.46 -8.62
CA ALA A 355 -0.26 -16.39 -7.63
C ALA A 355 0.79 -17.41 -7.20
N GLY A 356 1.58 -17.90 -8.17
CA GLY A 356 2.63 -18.84 -7.84
C GLY A 356 3.74 -18.23 -6.99
N ILE A 357 4.10 -16.98 -7.28
CA ILE A 357 5.13 -16.30 -6.48
C ILE A 357 4.66 -16.12 -5.05
N THR A 358 3.42 -15.64 -4.88
CA THR A 358 2.87 -15.47 -3.54
C THR A 358 2.76 -16.81 -2.82
N GLN A 359 2.28 -17.84 -3.52
CA GLN A 359 2.16 -19.16 -2.90
C GLN A 359 3.51 -19.68 -2.44
N ALA A 360 4.55 -19.51 -3.27
CA ALA A 360 5.88 -19.97 -2.88
C ALA A 360 6.37 -19.24 -1.65
N ALA A 361 6.10 -17.94 -1.56
CA ALA A 361 6.52 -17.16 -0.40
C ALA A 361 5.84 -17.66 0.88
N LYS A 362 4.52 -17.89 0.83
CA LYS A 362 3.79 -18.35 2.01
C LYS A 362 4.16 -19.78 2.38
N LEU A 363 4.58 -20.57 1.40
CA LEU A 363 5.06 -21.92 1.68
C LEU A 363 6.30 -21.87 2.57
N GLU A 364 7.24 -20.99 2.23
CA GLU A 364 8.43 -20.81 3.07
C GLU A 364 8.12 -20.12 4.37
N ARG A 365 7.15 -19.22 4.37
CA ARG A 365 6.93 -18.33 5.50
C ARG A 365 5.45 -17.95 5.51
N PRO A 366 4.63 -18.64 6.30
CA PRO A 366 3.17 -18.49 6.19
C PRO A 366 2.65 -17.07 6.41
N ASP A 367 3.30 -16.25 7.26
CA ASP A 367 2.87 -14.87 7.47
C ASP A 367 3.61 -13.88 6.59
N ALA A 368 4.28 -14.34 5.53
CA ALA A 368 4.94 -13.42 4.61
C ALA A 368 3.93 -12.43 4.01
N PHE A 369 4.40 -11.21 3.76
CA PHE A 369 3.60 -10.15 3.17
C PHE A 369 4.10 -9.91 1.76
N VAL A 370 3.24 -10.16 0.77
CA VAL A 370 3.58 -9.98 -0.63
C VAL A 370 2.64 -8.93 -1.20
N PHE A 371 3.19 -7.77 -1.57
CA PHE A 371 2.37 -6.75 -2.22
C PHE A 371 3.03 -6.28 -3.51
N GLY A 372 2.18 -5.96 -4.48
CA GLY A 372 2.65 -5.63 -5.83
C GLY A 372 2.64 -4.15 -6.12
N GLU A 373 3.61 -3.73 -6.94
CA GLU A 373 3.65 -2.36 -7.46
C GLU A 373 2.54 -2.18 -8.48
N HIS A 374 1.54 -1.35 -8.16
CA HIS A 374 0.43 -1.05 -9.07
C HIS A 374 0.25 0.45 -9.22
N PHE A 375 0.90 1.04 -10.22
CA PHE A 375 0.52 2.41 -10.58
C PHE A 375 -0.91 2.48 -11.07
N GLY A 376 -1.38 1.42 -11.72
CA GLY A 376 -2.71 1.35 -12.26
C GLY A 376 -3.69 0.67 -11.33
N ASP A 377 -4.76 0.11 -11.92
CA ASP A 377 -5.91 -0.41 -11.20
C ASP A 377 -5.63 -1.87 -10.83
N ALA A 378 -5.34 -2.13 -9.55
CA ALA A 378 -4.93 -3.43 -9.04
C ALA A 378 -6.09 -4.39 -8.80
N ARG A 379 -7.33 -3.98 -9.06
CA ARG A 379 -8.46 -4.73 -8.53
C ARG A 379 -8.54 -6.15 -9.07
N GLN A 380 -8.24 -6.37 -10.37
CA GLN A 380 -8.30 -7.75 -10.86
C GLN A 380 -7.32 -8.64 -10.11
N TRP A 381 -6.12 -8.12 -9.79
CA TRP A 381 -5.13 -8.91 -9.06
C TRP A 381 -5.61 -9.23 -7.66
N LEU A 382 -6.12 -8.21 -6.95
CA LEU A 382 -6.55 -8.40 -5.57
C LEU A 382 -7.83 -9.22 -5.49
N GLN A 383 -8.74 -9.02 -6.45
CA GLN A 383 -9.97 -9.80 -6.44
C GLN A 383 -9.72 -11.27 -6.72
N ALA A 384 -8.64 -11.63 -7.41
CA ALA A 384 -8.27 -13.03 -7.55
C ALA A 384 -7.32 -13.51 -6.46
N ASP A 385 -6.98 -12.64 -5.50
CA ASP A 385 -6.20 -13.03 -4.34
C ASP A 385 -4.80 -13.54 -4.72
N VAL A 386 -4.24 -13.01 -5.81
CA VAL A 386 -2.92 -13.47 -6.25
C VAL A 386 -1.80 -12.79 -5.47
N GLU A 387 -2.14 -11.79 -4.67
CA GLU A 387 -1.20 -11.08 -3.81
C GLU A 387 -1.98 -10.54 -2.62
N ASP A 388 -1.25 -10.14 -1.56
CA ASP A 388 -1.92 -9.68 -0.36
C ASP A 388 -2.44 -8.26 -0.45
N SER A 389 -1.90 -7.45 -1.34
CA SER A 389 -1.98 -6.00 -1.20
C SER A 389 -1.34 -5.40 -2.44
N ALA A 390 -1.48 -4.07 -2.58
CA ALA A 390 -0.79 -3.32 -3.62
C ALA A 390 -0.30 -1.99 -3.07
N MET A 391 0.79 -1.50 -3.64
CA MET A 391 1.09 -0.07 -3.55
C MET A 391 -0.12 0.67 -4.08
N ASN A 392 -0.79 1.43 -3.22
CA ASN A 392 -2.17 1.83 -3.49
C ASN A 392 -2.24 3.19 -4.18
N TYR A 393 -1.53 3.29 -5.30
CA TYR A 393 -1.52 4.53 -6.06
C TYR A 393 -2.93 4.91 -6.49
N ARG A 394 -3.68 3.95 -7.04
CA ARG A 394 -5.00 4.27 -7.57
C ARG A 394 -6.03 4.53 -6.46
N GLY A 395 -5.93 3.84 -5.33
CA GLY A 395 -6.95 4.00 -4.32
C GLY A 395 -6.69 5.05 -3.27
N PHE A 396 -5.44 5.53 -3.18
CA PHE A 396 -5.11 6.47 -2.13
C PHE A 396 -4.30 7.65 -2.67
N THR A 397 -3.17 7.36 -3.31
CA THR A 397 -2.25 8.42 -3.71
C THR A 397 -2.93 9.40 -4.67
N PHE A 398 -3.44 8.89 -5.78
CA PHE A 398 -3.90 9.81 -6.82
C PHE A 398 -5.20 10.53 -6.42
N PRO A 399 -6.12 9.93 -5.65
CA PRO A 399 -7.20 10.75 -5.07
C PRO A 399 -6.70 11.96 -4.30
N LEU A 400 -5.68 11.77 -3.45
CA LEU A 400 -5.14 12.91 -2.71
C LEU A 400 -4.41 13.89 -3.63
N TRP A 401 -3.66 13.38 -4.61
CA TRP A 401 -3.01 14.28 -5.56
C TRP A 401 -4.02 15.19 -6.26
N GLY A 402 -5.19 14.64 -6.60
CA GLY A 402 -6.19 15.47 -7.28
C GLY A 402 -6.88 16.44 -6.34
N PHE A 403 -7.33 15.93 -5.19
CA PHE A 403 -8.10 16.76 -4.25
C PHE A 403 -7.21 17.81 -3.59
N LEU A 404 -5.97 17.46 -3.24
CA LEU A 404 -5.11 18.40 -2.51
C LEU A 404 -4.13 19.16 -3.40
N ALA A 405 -3.58 18.51 -4.43
CA ALA A 405 -2.54 19.11 -5.27
C ALA A 405 -2.98 19.40 -6.70
N ASN A 406 -4.24 19.17 -7.05
CA ASN A 406 -4.77 19.48 -8.39
C ASN A 406 -3.99 18.79 -9.50
N THR A 407 -3.49 17.58 -9.27
CA THR A 407 -2.72 16.90 -10.30
C THR A 407 -2.97 15.40 -10.20
N ASP A 408 -2.23 14.61 -10.98
CA ASP A 408 -2.61 13.20 -11.16
C ASP A 408 -1.39 12.41 -11.62
N ILE A 409 -1.59 11.12 -11.92
CA ILE A 409 -0.51 10.20 -12.26
C ILE A 409 0.39 10.73 -13.37
N SER A 410 -0.17 11.49 -14.31
CA SER A 410 0.57 12.02 -15.45
C SER A 410 0.99 13.47 -15.25
N TYR A 411 0.78 14.02 -14.06
CA TYR A 411 0.98 15.45 -13.79
C TYR A 411 0.13 16.31 -14.72
N ASP A 412 -1.05 15.75 -15.16
CA ASP A 412 -2.12 16.48 -15.83
C ASP A 412 -2.97 17.23 -14.80
N PRO A 413 -3.51 18.39 -15.15
CA PRO A 413 -4.35 19.14 -14.20
C PRO A 413 -5.60 18.38 -13.77
N GLN A 414 -5.91 18.48 -12.48
CA GLN A 414 -7.10 17.90 -11.87
C GLN A 414 -7.89 18.97 -11.14
N LYS A 415 -9.20 18.87 -11.21
CA LYS A 415 -10.09 19.73 -10.43
C LYS A 415 -11.21 18.84 -9.89
N ILE A 416 -10.99 18.25 -8.71
CA ILE A 416 -12.00 17.40 -8.09
C ILE A 416 -12.31 17.91 -6.70
N ASP A 417 -13.59 17.89 -6.35
CA ASP A 417 -14.07 18.30 -5.05
C ASP A 417 -14.10 17.07 -4.13
N ALA A 418 -14.56 17.32 -2.89
CA ALA A 418 -14.60 16.27 -1.88
C ALA A 418 -15.53 15.14 -2.28
N GLN A 419 -16.69 15.48 -2.85
CA GLN A 419 -17.61 14.47 -3.38
C GLN A 419 -16.89 13.49 -4.30
N THR A 420 -16.19 14.03 -5.31
CA THR A 420 -15.55 13.18 -6.30
C THR A 420 -14.39 12.40 -5.68
N CYS A 421 -13.56 13.09 -4.89
CA CYS A 421 -12.48 12.39 -4.21
C CYS A 421 -12.99 11.18 -3.45
N MET A 422 -14.03 11.36 -2.63
CA MET A 422 -14.49 10.26 -1.80
C MET A 422 -15.25 9.22 -2.61
N ALA A 423 -15.98 9.63 -3.65
CA ALA A 423 -16.57 8.62 -4.53
C ALA A 423 -15.47 7.75 -5.12
N TRP A 424 -14.35 8.37 -5.50
CA TRP A 424 -13.21 7.64 -6.06
C TRP A 424 -12.62 6.68 -5.03
N MET A 425 -12.30 7.18 -3.83
CA MET A 425 -11.67 6.31 -2.84
C MET A 425 -12.61 5.18 -2.42
N ASP A 426 -13.88 5.49 -2.22
CA ASP A 426 -14.82 4.46 -1.78
C ASP A 426 -15.15 3.48 -2.91
N ASN A 427 -15.21 3.95 -4.15
CA ASN A 427 -15.44 3.00 -5.24
C ASN A 427 -14.31 2.00 -5.32
N TYR A 428 -13.07 2.47 -5.19
CA TYR A 428 -11.94 1.56 -5.33
C TYR A 428 -11.96 0.49 -4.25
N ARG A 429 -12.15 0.89 -2.99
CA ARG A 429 -12.06 -0.10 -1.92
C ARG A 429 -13.32 -0.94 -1.79
N ALA A 430 -14.40 -0.57 -2.46
CA ALA A 430 -15.57 -1.46 -2.50
C ALA A 430 -15.24 -2.78 -3.18
N GLY A 431 -14.18 -2.81 -3.98
CA GLY A 431 -13.70 -4.02 -4.63
C GLY A 431 -12.88 -4.94 -3.76
N LEU A 432 -12.68 -4.58 -2.49
CA LEU A 432 -11.74 -5.25 -1.58
C LEU A 432 -12.44 -5.65 -0.29
N SER A 433 -12.08 -6.81 0.24
CA SER A 433 -12.59 -7.19 1.55
C SER A 433 -12.04 -6.25 2.63
N HIS A 434 -12.68 -6.26 3.80
CA HIS A 434 -12.18 -5.44 4.91
C HIS A 434 -10.72 -5.76 5.20
N GLN A 435 -10.38 -7.06 5.28
CA GLN A 435 -9.01 -7.45 5.60
C GLN A 435 -8.03 -7.01 4.52
N GLN A 436 -8.44 -7.04 3.25
CA GLN A 436 -7.59 -6.49 2.20
C GLN A 436 -7.41 -4.98 2.38
N GLN A 437 -8.52 -4.28 2.63
CA GLN A 437 -8.45 -2.82 2.79
C GLN A 437 -7.46 -2.43 3.89
N LEU A 438 -7.43 -3.19 4.99
CA LEU A 438 -6.58 -2.81 6.12
C LEU A 438 -5.10 -2.98 5.83
N ARG A 439 -4.72 -3.70 4.78
CA ARG A 439 -3.31 -3.95 4.49
C ARG A 439 -2.88 -3.36 3.15
N MET A 440 -3.70 -2.50 2.56
CA MET A 440 -3.27 -1.77 1.36
C MET A 440 -2.13 -0.83 1.73
N PHE A 441 -1.11 -0.80 0.87
CA PHE A 441 0.18 -0.14 1.14
C PHE A 441 0.04 1.31 0.68
N ASN A 442 -0.27 2.22 1.61
CA ASN A 442 -0.65 3.59 1.25
C ASN A 442 0.52 4.56 1.41
N GLN A 443 0.76 5.38 0.38
CA GLN A 443 1.78 6.41 0.50
C GLN A 443 1.45 7.61 -0.39
N LEU A 444 2.02 8.76 0.02
CA LEU A 444 1.80 10.04 -0.64
C LEU A 444 2.70 10.21 -1.86
N ASP A 445 3.85 9.54 -1.87
CA ASP A 445 4.79 9.63 -2.99
C ASP A 445 5.74 8.45 -2.87
N SER A 446 6.67 8.36 -3.82
CA SER A 446 7.60 7.25 -3.86
C SER A 446 8.87 7.67 -4.61
N HIS A 447 9.78 6.72 -4.78
CA HIS A 447 10.97 6.93 -5.59
C HIS A 447 10.66 7.03 -7.08
N ASP A 448 9.39 6.83 -7.45
CA ASP A 448 8.95 6.89 -8.84
C ASP A 448 7.99 8.04 -9.09
N THR A 449 7.82 8.95 -8.14
CA THR A 449 6.98 10.13 -8.32
C THR A 449 7.72 11.37 -7.86
N ALA A 450 7.21 12.52 -8.29
CA ALA A 450 7.60 13.77 -7.65
C ALA A 450 7.21 13.72 -6.18
N ARG A 451 7.96 14.45 -5.35
CA ARG A 451 7.61 14.59 -3.95
C ARG A 451 6.29 15.33 -3.82
N PHE A 452 5.39 14.79 -3.00
CA PHE A 452 4.09 15.43 -2.79
C PHE A 452 4.25 16.87 -2.32
N LYS A 453 5.23 17.13 -1.44
CA LYS A 453 5.44 18.50 -0.97
C LYS A 453 5.66 19.46 -2.14
N SER A 454 6.39 19.04 -3.17
CA SER A 454 6.57 19.87 -4.35
C SER A 454 5.30 19.93 -5.20
N LEU A 455 4.62 18.79 -5.35
CA LEU A 455 3.39 18.80 -6.15
C LEU A 455 2.38 19.80 -5.60
N LEU A 456 2.38 20.04 -4.29
CA LEU A 456 1.47 21.01 -3.72
C LEU A 456 1.75 22.43 -4.18
N GLY A 457 2.98 22.73 -4.58
CA GLY A 457 3.35 24.07 -5.00
C GLY A 457 2.93 25.15 -4.02
N LYS A 458 2.11 26.09 -4.48
CA LYS A 458 1.66 27.19 -3.64
C LYS A 458 0.71 26.75 -2.54
N ASP A 459 0.16 25.54 -2.62
CA ASP A 459 -0.77 25.03 -1.62
C ASP A 459 -0.08 24.13 -0.59
N VAL A 460 1.22 24.37 -0.34
CA VAL A 460 2.01 23.50 0.52
C VAL A 460 1.48 23.45 1.94
N ALA A 461 0.69 24.46 2.36
CA ALA A 461 0.08 24.41 3.68
C ALA A 461 -0.84 23.21 3.85
N ARG A 462 -1.25 22.59 2.74
CA ARG A 462 -2.08 21.39 2.79
C ARG A 462 -1.32 20.13 3.16
N LEU A 463 0.02 20.17 3.17
CA LEU A 463 0.81 18.97 3.45
C LEU A 463 0.40 18.26 4.74
N PRO A 464 0.24 18.94 5.88
CA PRO A 464 -0.17 18.23 7.10
C PRO A 464 -1.51 17.51 6.98
N LEU A 465 -2.40 18.00 6.11
CA LEU A 465 -3.67 17.31 5.91
C LEU A 465 -3.44 15.92 5.33
N ALA A 466 -2.57 15.82 4.33
CA ALA A 466 -2.24 14.54 3.74
C ALA A 466 -1.57 13.61 4.75
N VAL A 467 -0.79 14.16 5.69
CA VAL A 467 -0.14 13.30 6.67
C VAL A 467 -1.17 12.67 7.60
N VAL A 468 -2.09 13.49 8.12
CA VAL A 468 -3.16 12.97 8.97
C VAL A 468 -3.96 11.90 8.25
N TRP A 469 -4.29 12.18 6.99
CA TRP A 469 -5.09 11.27 6.18
C TRP A 469 -4.35 9.95 5.94
N LEU A 470 -3.05 10.04 5.68
CA LEU A 470 -2.22 8.86 5.49
C LEU A 470 -2.34 7.90 6.68
N PHE A 471 -2.42 8.44 7.89
CA PHE A 471 -2.46 7.57 9.06
C PHE A 471 -3.88 7.16 9.48
N SER A 472 -4.92 7.64 8.79
CA SER A 472 -6.26 7.39 9.26
C SER A 472 -7.20 6.78 8.21
N TRP A 473 -6.80 6.73 6.94
CA TRP A 473 -7.55 5.99 5.93
C TRP A 473 -7.21 4.50 6.03
N PRO A 474 -8.18 3.60 5.75
CA PRO A 474 -7.87 2.17 5.83
C PRO A 474 -6.67 1.82 4.97
N GLY A 475 -5.76 1.06 5.54
CA GLY A 475 -4.50 0.73 4.93
C GLY A 475 -3.34 0.90 5.92
N VAL A 476 -2.21 0.35 5.55
CA VAL A 476 -0.97 0.50 6.32
C VAL A 476 -0.19 1.65 5.70
N PRO A 477 0.24 2.63 6.49
CA PRO A 477 0.91 3.81 5.91
C PRO A 477 2.39 3.56 5.68
N CYS A 478 2.91 4.06 4.57
CA CYS A 478 4.33 4.00 4.30
C CYS A 478 4.87 5.42 4.12
N ILE A 479 5.80 5.80 4.99
CA ILE A 479 6.52 7.07 4.85
C ILE A 479 7.63 6.87 3.83
N TYR A 480 7.71 7.75 2.84
CA TYR A 480 8.84 7.75 1.91
C TYR A 480 9.97 8.57 2.53
N TYR A 481 11.16 7.96 2.64
CA TYR A 481 12.25 8.52 3.45
C TYR A 481 12.47 10.00 3.14
N GLY A 482 12.55 10.81 4.19
CA GLY A 482 12.75 12.24 4.04
C GLY A 482 11.48 13.05 3.95
N ASP A 483 10.37 12.44 3.54
CA ASP A 483 9.08 13.13 3.55
C ASP A 483 8.81 13.79 4.89
N GLU A 484 9.20 13.12 5.99
CA GLU A 484 8.84 13.55 7.32
C GLU A 484 9.65 14.75 7.81
N VAL A 485 10.80 15.03 7.22
CA VAL A 485 11.56 16.24 7.53
C VAL A 485 11.46 17.26 6.41
N GLY A 486 10.54 17.06 5.45
CA GLY A 486 10.25 18.07 4.47
C GLY A 486 11.07 18.06 3.21
N VAL A 487 11.68 16.93 2.87
CA VAL A 487 12.39 16.81 1.60
C VAL A 487 11.43 17.03 0.44
N ASP A 488 11.87 17.77 -0.58
CA ASP A 488 11.05 17.97 -1.78
C ASP A 488 11.85 17.65 -3.04
N GLY A 489 11.27 17.92 -4.20
CA GLY A 489 11.91 17.62 -5.47
C GLY A 489 10.91 17.05 -6.46
N ASN A 490 11.25 17.18 -7.74
CA ASN A 490 10.41 16.68 -8.82
C ASN A 490 10.63 15.18 -9.00
N ASN A 491 10.05 14.61 -10.05
CA ASN A 491 10.14 13.17 -10.24
C ASN A 491 11.57 12.74 -10.53
N ASP A 492 11.83 11.45 -10.27
CA ASP A 492 13.00 10.69 -10.67
C ASP A 492 13.72 11.36 -11.84
N PRO A 493 14.98 11.81 -11.66
CA PRO A 493 15.89 11.54 -10.52
C PRO A 493 15.73 12.44 -9.31
N PHE A 494 14.94 13.51 -9.37
CA PHE A 494 15.01 14.52 -8.32
C PHE A 494 14.23 14.16 -7.06
N CYS A 495 13.47 13.07 -7.07
CA CYS A 495 12.73 12.64 -5.88
C CYS A 495 13.58 11.81 -4.94
N ARG A 496 14.87 11.63 -5.24
CA ARG A 496 15.75 10.72 -4.50
C ARG A 496 16.92 11.46 -3.87
N LYS A 497 16.64 12.61 -3.28
CA LYS A 497 17.70 13.41 -2.67
C LYS A 497 18.32 12.66 -1.49
N PRO A 498 19.57 12.94 -1.16
CA PRO A 498 20.12 12.42 0.09
C PRO A 498 19.38 13.01 1.28
N PHE A 499 19.13 12.16 2.27
CA PHE A 499 18.37 12.58 3.44
C PHE A 499 19.12 13.68 4.21
N PRO A 500 18.44 14.74 4.61
CA PRO A 500 19.13 15.83 5.31
C PRO A 500 19.27 15.55 6.80
N TRP A 501 20.41 15.01 7.21
CA TRP A 501 20.60 14.70 8.62
C TRP A 501 20.90 15.94 9.47
N ASP A 502 21.31 17.03 8.85
CA ASP A 502 21.50 18.31 9.57
C ASP A 502 20.14 18.86 10.00
N PRO A 503 19.87 18.97 11.30
CA PRO A 503 18.55 19.44 11.74
C PRO A 503 18.21 20.84 11.27
N ALA A 504 19.22 21.64 10.90
CA ALA A 504 18.96 22.96 10.33
C ALA A 504 18.20 22.85 9.02
N LEU A 505 18.40 21.75 8.29
CA LEU A 505 17.72 21.52 7.02
C LEU A 505 16.46 20.68 7.16
N GLN A 506 15.97 20.47 8.37
CA GLN A 506 14.81 19.63 8.63
C GLN A 506 13.62 20.46 9.07
N ASP A 507 12.43 20.09 8.57
CA ASP A 507 11.16 20.64 9.05
C ASP A 507 10.77 19.87 10.31
N GLY A 508 11.08 20.45 11.48
CA GLY A 508 10.81 19.76 12.72
C GLY A 508 9.35 19.69 13.10
N ASP A 509 8.56 20.70 12.72
CA ASP A 509 7.14 20.66 13.00
C ASP A 509 6.46 19.55 12.20
N LEU A 510 6.87 19.37 10.94
CA LEU A 510 6.36 18.25 10.16
C LEU A 510 6.79 16.93 10.77
N LEU A 511 8.05 16.83 11.22
CA LEU A 511 8.52 15.60 11.87
C LEU A 511 7.63 15.26 13.06
N ASP A 512 7.38 16.25 13.92
CA ASP A 512 6.58 16.01 15.12
C ASP A 512 5.18 15.53 14.78
N LEU A 513 4.60 16.05 13.69
CA LEU A 513 3.27 15.61 13.28
C LEU A 513 3.28 14.12 12.93
N TYR A 514 4.27 13.69 12.14
CA TYR A 514 4.42 12.27 11.84
C TYR A 514 4.53 11.46 13.13
N LYS A 515 5.31 11.94 14.09
CA LYS A 515 5.44 11.22 15.35
C LYS A 515 4.08 11.09 16.04
N ARG A 516 3.33 12.20 16.14
CA ARG A 516 2.07 12.16 16.85
C ARG A 516 1.06 11.25 16.16
N MET A 517 1.02 11.31 14.83
CA MET A 517 0.08 10.45 14.10
C MET A 517 0.42 8.97 14.30
N SER A 518 1.71 8.63 14.33
N SER A 518 1.71 8.63 14.32
CA SER A 518 2.08 7.24 14.60
CA SER A 518 2.10 7.26 14.61
C SER A 518 1.62 6.81 15.98
C SER A 518 1.58 6.83 15.97
N LYS A 519 1.69 7.72 16.96
CA LYS A 519 1.24 7.35 18.32
C LYS A 519 -0.26 7.13 18.36
N LEU A 520 -1.04 7.97 17.68
CA LEU A 520 -2.49 7.80 17.63
C LEU A 520 -2.87 6.49 16.97
N ARG A 521 -2.21 6.16 15.86
CA ARG A 521 -2.51 4.91 15.18
C ARG A 521 -2.17 3.71 16.06
N LYS A 522 -1.00 3.74 16.71
CA LYS A 522 -0.61 2.72 17.67
C LYS A 522 -1.59 2.63 18.84
N ALA A 523 -2.17 3.75 19.23
CA ALA A 523 -2.99 3.79 20.42
C ALA A 523 -4.40 3.26 20.19
N HIS A 524 -4.95 3.43 18.99
CA HIS A 524 -6.39 3.28 18.80
C HIS A 524 -6.69 2.15 17.83
N GLN A 525 -7.44 1.15 18.31
CA GLN A 525 -7.70 -0.03 17.49
C GLN A 525 -8.43 0.32 16.20
N ALA A 526 -9.27 1.36 16.21
CA ALA A 526 -10.06 1.65 15.02
C ALA A 526 -9.19 2.17 13.88
N LEU A 527 -8.04 2.75 14.21
CA LEU A 527 -7.12 3.24 13.18
C LEU A 527 -6.30 2.11 12.58
N ARG A 528 -6.34 0.92 13.16
CA ARG A 528 -5.65 -0.24 12.63
C ARG A 528 -6.59 -1.31 12.08
N TYR A 529 -7.75 -1.48 12.69
CA TYR A 529 -8.68 -2.56 12.36
C TYR A 529 -10.06 -2.07 11.96
N GLY A 530 -10.34 -0.77 12.05
CA GLY A 530 -11.70 -0.31 12.00
C GLY A 530 -12.23 -0.24 10.58
N GLY A 531 -13.56 -0.35 10.46
CA GLY A 531 -14.24 0.02 9.24
C GLY A 531 -14.13 1.52 9.04
N CYS A 532 -14.66 1.99 7.92
CA CYS A 532 -14.54 3.40 7.55
C CYS A 532 -15.80 3.86 6.84
N GLN A 533 -16.49 4.83 7.41
CA GLN A 533 -17.68 5.39 6.79
C GLN A 533 -17.43 6.86 6.50
N VAL A 534 -17.56 7.25 5.23
CA VAL A 534 -17.54 8.67 4.88
C VAL A 534 -18.86 9.29 5.32
N ILE A 535 -18.77 10.30 6.17
CA ILE A 535 -19.91 10.92 6.85
C ILE A 535 -20.33 12.16 6.08
N TYR A 536 -19.36 12.85 5.50
CA TYR A 536 -19.61 14.13 4.86
C TYR A 536 -18.55 14.33 3.80
N ALA A 537 -18.95 14.74 2.59
CA ALA A 537 -17.99 14.95 1.53
C ALA A 537 -18.58 15.95 0.55
N GLU A 538 -18.27 17.22 0.75
CA GLU A 538 -18.79 18.29 -0.10
C GLU A 538 -17.76 19.41 -0.20
N ASP A 539 -17.46 19.84 -1.44
CA ASP A 539 -16.62 21.01 -1.79
C ASP A 539 -15.24 20.79 -1.17
N ASN A 540 -14.90 21.49 -0.07
CA ASN A 540 -13.55 21.41 0.46
C ASN A 540 -13.41 20.46 1.64
N VAL A 541 -14.51 19.89 2.14
CA VAL A 541 -14.50 19.20 3.44
C VAL A 541 -14.78 17.71 3.23
N VAL A 542 -13.96 16.88 3.87
CA VAL A 542 -14.15 15.44 3.96
C VAL A 542 -14.23 15.09 5.44
N VAL A 543 -15.29 14.37 5.83
CA VAL A 543 -15.37 13.84 7.19
C VAL A 543 -15.63 12.34 7.12
N PHE A 544 -14.83 11.56 7.84
CA PHE A 544 -15.06 10.12 7.91
C PHE A 544 -14.80 9.64 9.33
N VAL A 545 -15.35 8.46 9.64
CA VAL A 545 -15.22 7.88 10.95
C VAL A 545 -14.71 6.47 10.79
N ARG A 546 -13.68 6.13 11.56
CA ARG A 546 -13.23 4.74 11.70
C ARG A 546 -13.97 4.13 12.89
N VAL A 547 -14.37 2.87 12.74
CA VAL A 547 -15.33 2.24 13.63
C VAL A 547 -14.81 0.87 14.03
N TYR A 548 -14.69 0.62 15.33
CA TYR A 548 -14.26 -0.70 15.78
C TYR A 548 -14.86 -0.98 17.15
N LYS A 549 -15.72 -2.00 17.23
CA LYS A 549 -16.49 -2.31 18.42
C LYS A 549 -17.16 -1.04 18.95
N GLN A 550 -16.90 -0.66 20.20
CA GLN A 550 -17.54 0.54 20.73
C GLN A 550 -16.76 1.82 20.45
N GLN A 551 -15.58 1.71 19.87
CA GLN A 551 -14.70 2.85 19.65
C GLN A 551 -14.94 3.51 18.30
N ARG A 552 -14.73 4.82 18.25
CA ARG A 552 -14.85 5.62 17.03
C ARG A 552 -13.67 6.58 16.96
N VAL A 553 -13.23 6.88 15.74
CA VAL A 553 -12.22 7.90 15.46
C VAL A 553 -12.77 8.78 14.36
N LEU A 554 -13.03 10.05 14.67
CA LEU A 554 -13.60 10.97 13.71
C LEU A 554 -12.49 11.82 13.10
N VAL A 555 -12.47 11.93 11.77
CA VAL A 555 -11.46 12.70 11.03
C VAL A 555 -12.17 13.72 10.16
N ALA A 556 -11.80 15.00 10.31
CA ALA A 556 -12.37 16.06 9.48
C ALA A 556 -11.24 16.83 8.80
N ILE A 557 -11.32 16.93 7.47
CA ILE A 557 -10.28 17.55 6.64
C ILE A 557 -10.91 18.68 5.83
N ASN A 558 -10.32 19.87 5.95
CA ASN A 558 -10.79 21.06 5.25
C ASN A 558 -9.63 21.65 4.46
N ARG A 559 -9.67 21.51 3.13
CA ARG A 559 -8.59 21.99 2.27
C ARG A 559 -8.68 23.48 1.98
N GLY A 560 -9.74 24.15 2.38
CA GLY A 560 -9.92 25.54 1.97
C GLY A 560 -10.12 26.46 3.15
N GLU A 561 -10.80 27.58 2.92
CA GLU A 561 -10.97 28.60 3.95
C GLU A 561 -11.75 28.04 5.14
N ALA A 562 -11.66 28.75 6.27
CA ALA A 562 -12.38 28.34 7.47
C ALA A 562 -13.88 28.29 7.19
N CYS A 563 -14.56 27.33 7.83
CA CYS A 563 -15.97 27.11 7.57
C CYS A 563 -16.57 26.36 8.73
N GLU A 564 -17.91 26.27 8.72
CA GLU A 564 -18.67 25.45 9.62
C GLU A 564 -19.45 24.43 8.80
N VAL A 565 -19.59 23.21 9.32
CA VAL A 565 -20.32 22.15 8.62
C VAL A 565 -21.23 21.46 9.62
N VAL A 566 -22.49 21.27 9.23
CA VAL A 566 -23.47 20.58 10.07
C VAL A 566 -23.39 19.09 9.78
N ILE A 567 -23.23 18.30 10.83
CA ILE A 567 -23.17 16.85 10.77
C ILE A 567 -24.51 16.33 11.25
N GLU A 568 -25.31 15.78 10.34
CA GLU A 568 -26.57 15.17 10.73
C GLU A 568 -26.33 14.12 11.79
N ASP A 569 -27.33 13.92 12.64
CA ASP A 569 -27.25 12.86 13.62
C ASP A 569 -27.04 11.53 12.93
N SER A 570 -26.12 10.74 13.47
CA SER A 570 -25.75 9.49 12.86
C SER A 570 -25.61 8.50 14.00
N PRO A 571 -26.23 7.32 13.90
CA PRO A 571 -26.02 6.29 14.92
C PRO A 571 -24.59 5.81 14.98
N LEU A 572 -23.79 6.05 13.93
CA LEU A 572 -22.35 5.77 14.02
C LEU A 572 -21.65 6.74 14.95
N LEU A 573 -22.17 7.96 15.10
CA LEU A 573 -21.55 9.02 15.90
C LEU A 573 -22.18 9.18 17.28
N ASP A 574 -22.98 8.20 17.71
CA ASP A 574 -23.72 8.31 18.97
C ASP A 574 -22.85 7.76 20.10
N VAL A 575 -22.06 8.65 20.72
CA VAL A 575 -21.05 8.29 21.72
C VAL A 575 -21.27 9.11 22.98
N ASN A 576 -20.55 8.70 24.04
CA ASN A 576 -20.56 9.47 25.28
C ASN A 576 -19.99 10.87 25.07
N GLY A 577 -18.95 10.97 24.24
CA GLY A 577 -18.37 12.26 23.90
C GLY A 577 -17.12 12.06 23.08
N TRP A 578 -16.55 13.19 22.65
CA TRP A 578 -15.37 13.21 21.79
C TRP A 578 -14.23 13.94 22.46
N GLN A 579 -13.04 13.37 22.36
CA GLN A 579 -11.80 14.00 22.83
C GLN A 579 -10.96 14.38 21.60
N LEU A 580 -10.73 15.67 21.42
CA LEU A 580 -9.86 16.11 20.33
C LEU A 580 -8.43 15.64 20.59
N LYS A 581 -7.84 14.97 19.60
CA LYS A 581 -6.50 14.41 19.72
C LYS A 581 -5.46 15.12 18.86
N GLU A 582 -5.85 15.63 17.70
CA GLU A 582 -4.92 16.30 16.80
C GLU A 582 -5.70 17.34 16.00
N GLY A 583 -5.07 18.48 15.75
CA GLY A 583 -5.70 19.54 15.00
C GLY A 583 -6.48 20.51 15.87
N ALA A 584 -7.04 21.52 15.20
CA ALA A 584 -7.72 22.64 15.84
C ALA A 584 -9.22 22.67 15.56
N GLY A 585 -9.76 21.66 14.88
CA GLY A 585 -11.19 21.60 14.70
C GLY A 585 -11.92 21.47 16.02
N ALA A 586 -13.22 21.79 15.97
CA ALA A 586 -14.08 21.77 17.14
C ALA A 586 -15.44 21.21 16.75
N LEU A 587 -15.99 20.36 17.60
CA LEU A 587 -17.29 19.73 17.37
C LEU A 587 -18.21 20.02 18.55
N HIS A 588 -19.39 20.54 18.25
CA HIS A 588 -20.34 20.86 19.32
C HIS A 588 -21.75 20.85 18.74
N ASP A 589 -22.62 20.02 19.31
CA ASP A 589 -24.02 19.94 18.92
C ASP A 589 -24.15 19.73 17.41
N GLY A 590 -23.42 18.75 16.89
CA GLY A 590 -23.50 18.43 15.48
C GLY A 590 -22.95 19.49 14.55
N VAL A 591 -22.19 20.46 15.05
CA VAL A 591 -21.60 21.51 14.22
C VAL A 591 -20.08 21.39 14.29
N LEU A 592 -19.45 21.13 13.15
CA LEU A 592 -18.00 21.12 13.03
C LEU A 592 -17.51 22.52 12.69
N THR A 593 -16.70 23.09 13.56
CA THR A 593 -16.04 24.37 13.31
C THR A 593 -14.60 24.05 12.89
N LEU A 594 -14.28 24.28 11.62
CA LEU A 594 -13.06 23.79 11.01
C LEU A 594 -12.23 24.96 10.52
N PRO A 595 -11.02 25.18 11.07
CA PRO A 595 -10.18 26.28 10.59
C PRO A 595 -9.72 26.03 9.17
N ALA A 596 -9.22 27.10 8.55
CA ALA A 596 -8.73 26.98 7.18
C ALA A 596 -7.56 26.01 7.12
N ILE A 597 -7.53 25.23 6.04
CA ILE A 597 -6.45 24.30 5.74
C ILE A 597 -6.07 23.52 6.98
N SER A 598 -6.96 22.64 7.41
CA SER A 598 -6.78 21.91 8.67
C SER A 598 -7.28 20.48 8.52
N ALA A 599 -6.72 19.62 9.35
CA ALA A 599 -7.19 18.27 9.56
C ALA A 599 -7.26 18.05 11.06
N SER A 600 -8.34 17.41 11.51
CA SER A 600 -8.56 17.17 12.92
C SER A 600 -8.97 15.72 13.15
N VAL A 601 -8.62 15.21 14.32
CA VAL A 601 -8.90 13.84 14.73
C VAL A 601 -9.47 13.86 16.14
N TRP A 602 -10.63 13.21 16.32
CA TRP A 602 -11.23 13.00 17.63
C TRP A 602 -11.32 11.50 17.92
N PHE A 603 -11.10 11.14 19.18
CA PHE A 603 -11.40 9.82 19.71
C PHE A 603 -12.70 9.88 20.50
N SER A 604 -13.56 8.88 20.33
CA SER A 604 -14.73 8.79 21.20
C SER A 604 -14.32 8.36 22.60
N ARG A 605 -14.97 8.94 23.60
CA ARG A 605 -14.74 8.57 25.01
C ARG A 605 -15.96 7.89 25.62
#